data_2V73
#
_entry.id   2V73
#
_cell.length_a   42.769
_cell.length_b   63.186
_cell.length_c   70.931
_cell.angle_alpha   90.00
_cell.angle_beta   91.02
_cell.angle_gamma   90.00
#
_symmetry.space_group_name_H-M   'P 1 21 1'
#
loop_
_entity.id
_entity.type
_entity.pdbx_description
1 polymer 'PUTATIVE EXO-ALPHA-SIALIDASE'
2 non-polymer 'CALCIUM ION'
3 non-polymer 'N-acetyl-alpha-neuraminic acid'
4 water water
#
_entity_poly.entity_id   1
_entity_poly.type   'polypeptide(L)'
_entity_poly.pdbx_seq_one_letter_code
;GMASIKGEVDEIANYGNLKITKEEERVNITGDLEKFSSLEEGTIVTRFNMNDTSIQSLIGLSDGNKANNYFSLYVSGGKV
GYELRRQEGNGDFNVHHSADVTFNRGINTLALKIEKGIGAKIFLNGSLVKTVSDPNIKFLNAINLNSGFIGKTDRANGYN
EYLFRGNIDFMNIYDKPVSDNYLLRKTGETK
;
_entity_poly.pdbx_strand_id   A,B
#
loop_
_chem_comp.id
_chem_comp.type
_chem_comp.name
_chem_comp.formula
CA non-polymer 'CALCIUM ION' 'Ca 2'
SIA D-saccharide, alpha linking 'N-acetyl-alpha-neuraminic acid' 'C11 H19 N O9'
#
# COMPACT_ATOMS: atom_id res chain seq x y z
N VAL A 9 1.04 27.47 17.16
CA VAL A 9 0.76 26.07 17.61
C VAL A 9 1.20 25.85 19.06
N ASP A 10 0.77 24.75 19.66
CA ASP A 10 1.24 24.33 20.99
C ASP A 10 1.33 22.80 21.16
N GLU A 11 2.56 22.30 21.25
CA GLU A 11 2.83 20.87 21.36
C GLU A 11 2.50 20.29 22.74
N ILE A 12 2.22 18.99 22.79
CA ILE A 12 2.13 18.25 24.05
C ILE A 12 3.49 17.72 24.46
N ALA A 13 4.43 17.66 23.50
CA ALA A 13 5.79 17.19 23.75
C ALA A 13 6.74 17.83 22.75
N ASN A 14 7.89 18.28 23.27
CA ASN A 14 8.90 18.97 22.47
C ASN A 14 10.30 18.45 22.79
N TYR A 15 10.94 17.83 21.80
CA TYR A 15 12.31 17.32 21.92
C TYR A 15 13.17 18.00 20.87
N GLY A 16 14.43 18.27 21.18
CA GLY A 16 15.26 19.00 20.24
C GLY A 16 16.74 18.98 20.50
N ASN A 17 17.49 19.35 19.46
CA ASN A 17 18.95 19.39 19.48
C ASN A 17 19.54 18.05 19.90
N LEU A 18 19.32 17.02 19.08
CA LEU A 18 19.77 15.65 19.39
C LEU A 18 20.74 15.12 18.34
N LYS A 19 21.84 14.53 18.81
CA LYS A 19 22.81 13.90 17.92
C LYS A 19 22.83 12.40 18.22
N ILE A 20 22.56 11.62 17.19
CA ILE A 20 22.48 10.17 17.31
C ILE A 20 23.50 9.56 16.36
N THR A 21 24.73 9.39 16.84
CA THR A 21 25.81 8.84 16.01
C THR A 21 26.07 7.36 16.25
N LYS A 22 25.55 6.83 17.36
CA LYS A 22 25.70 5.40 17.70
C LYS A 22 24.49 4.85 18.44
N GLU A 23 24.42 3.53 18.54
CA GLU A 23 23.30 2.83 19.16
C GLU A 23 22.82 3.49 20.46
N GLU A 24 23.74 3.89 21.33
CA GLU A 24 23.40 4.31 22.69
C GLU A 24 22.98 5.77 22.88
N GLU A 25 22.74 6.50 21.80
CA GLU A 25 22.32 7.90 21.96
C GLU A 25 21.36 8.51 20.93
N ARG A 26 20.21 7.93 20.54
CA ARG A 26 19.37 6.90 21.17
C ARG A 26 18.54 7.47 22.33
N VAL A 27 17.40 8.06 21.98
CA VAL A 27 16.64 8.85 22.94
C VAL A 27 15.40 8.12 23.44
N ASN A 28 15.46 7.70 24.69
CA ASN A 28 14.37 7.02 25.38
C ASN A 28 13.30 7.98 25.88
N ILE A 29 12.13 7.95 25.23
CA ILE A 29 11.01 8.79 25.62
C ILE A 29 9.86 7.95 26.21
N THR A 30 10.19 6.71 26.59
CA THR A 30 9.24 5.78 27.22
C THR A 30 8.47 6.42 28.38
N GLY A 31 9.15 7.24 29.19
CA GLY A 31 8.53 7.89 30.33
C GLY A 31 7.49 8.93 29.97
N ASP A 32 7.32 9.17 28.67
CA ASP A 32 6.38 10.19 28.18
C ASP A 32 5.14 9.59 27.49
N LEU A 33 5.09 8.27 27.36
CA LEU A 33 4.01 7.57 26.63
C LEU A 33 2.58 7.92 27.04
N GLU A 34 2.34 8.10 28.34
CA GLU A 34 1.02 8.50 28.84
C GLU A 34 0.48 9.74 28.11
N LYS A 35 1.38 10.59 27.63
CA LYS A 35 1.01 11.77 26.84
C LYS A 35 0.49 11.42 25.45
N PHE A 36 0.89 10.25 24.93
CA PHE A 36 0.59 9.87 23.55
C PHE A 36 -0.30 8.63 23.45
N SER A 37 -0.39 7.86 24.53
CA SER A 37 -1.02 6.53 24.50
C SER A 37 -2.48 6.52 24.06
N SER A 38 -3.17 7.65 24.25
CA SER A 38 -4.61 7.73 23.97
C SER A 38 -4.96 8.51 22.71
N LEU A 39 -3.95 8.90 21.95
CA LEU A 39 -4.17 9.72 20.76
C LEU A 39 -4.82 8.92 19.64
N GLU A 40 -6.00 9.39 19.21
CA GLU A 40 -6.69 8.83 18.05
C GLU A 40 -6.36 9.67 16.81
N GLU A 41 -5.93 10.90 17.05
CA GLU A 41 -5.49 11.79 16.00
C GLU A 41 -4.31 12.61 16.53
N GLY A 42 -3.67 13.39 15.65
CA GLY A 42 -2.55 14.24 16.05
C GLY A 42 -1.56 14.50 14.93
N THR A 43 -0.51 15.25 15.26
CA THR A 43 0.54 15.53 14.29
C THR A 43 1.95 15.48 14.87
N ILE A 44 2.89 15.01 14.06
CA ILE A 44 4.29 14.95 14.42
C ILE A 44 5.04 15.78 13.39
N VAL A 45 5.80 16.76 13.87
CA VAL A 45 6.62 17.62 13.02
C VAL A 45 8.04 17.48 13.52
N THR A 46 8.96 17.17 12.60
CA THR A 46 10.36 16.92 12.97
C THR A 46 11.34 17.44 11.91
N ARG A 47 12.38 18.12 12.37
CA ARG A 47 13.46 18.59 11.51
C ARG A 47 14.71 17.78 11.78
N PHE A 48 15.32 17.24 10.72
CA PHE A 48 16.37 16.24 10.88
C PHE A 48 17.41 16.24 9.75
N ASN A 49 18.53 15.57 10.03
CA ASN A 49 19.56 15.31 9.05
C ASN A 49 19.93 13.83 9.19
N MET A 50 19.61 13.04 8.17
CA MET A 50 19.99 11.62 8.16
C MET A 50 21.40 11.42 7.57
N ASN A 51 22.06 10.36 8.01
CA ASN A 51 23.42 10.04 7.59
C ASN A 51 23.44 8.75 6.76
N ASP A 52 22.50 7.86 7.03
CA ASP A 52 22.39 6.60 6.29
C ASP A 52 21.18 6.59 5.33
N THR A 53 21.09 5.55 4.50
CA THR A 53 20.07 5.47 3.46
C THR A 53 19.05 4.35 3.70
N SER A 54 19.25 3.59 4.78
CA SER A 54 18.33 2.54 5.19
C SER A 54 17.08 3.13 5.86
N ILE A 55 16.05 2.30 6.01
CA ILE A 55 14.85 2.68 6.73
C ILE A 55 15.19 2.98 8.20
N GLN A 56 14.94 4.22 8.61
CA GLN A 56 15.30 4.69 9.94
C GLN A 56 14.08 5.32 10.64
N SER A 57 13.73 4.81 11.83
CA SER A 57 12.64 5.41 12.61
C SER A 57 13.10 6.72 13.26
N LEU A 58 12.45 7.82 12.87
CA LEU A 58 12.65 9.10 13.54
C LEU A 58 11.99 9.04 14.90
N ILE A 59 10.88 8.32 14.97
CA ILE A 59 10.17 8.04 16.23
C ILE A 59 9.47 6.69 16.13
N GLY A 60 9.71 5.84 17.13
CA GLY A 60 9.06 4.55 17.22
C GLY A 60 8.47 4.34 18.59
N LEU A 61 7.14 4.20 18.64
CA LEU A 61 6.43 3.88 19.88
C LEU A 61 5.85 2.47 19.77
N SER A 62 6.31 1.59 20.66
CA SER A 62 6.11 0.15 20.48
C SER A 62 5.75 -0.58 21.77
N ASP A 63 5.07 -1.71 21.62
CA ASP A 63 4.85 -2.64 22.72
C ASP A 63 6.02 -3.61 22.76
N GLY A 64 6.31 -4.10 23.97
CA GLY A 64 7.25 -5.19 24.17
C GLY A 64 8.63 -4.95 23.59
N ASN A 65 9.41 -6.02 23.38
CA ASN A 65 8.99 -7.44 23.57
C ASN A 65 7.73 -7.90 22.82
N LYS A 66 7.60 -7.36 21.61
CA LYS A 66 6.72 -7.85 20.56
C LYS A 66 7.47 -7.60 19.23
N ALA A 67 7.09 -8.31 18.18
CA ALA A 67 7.76 -8.15 16.87
C ALA A 67 7.08 -7.11 15.99
N ASN A 68 5.75 -7.18 15.89
CA ASN A 68 4.97 -6.37 14.97
C ASN A 68 3.89 -5.56 15.67
N ASN A 69 4.23 -5.00 16.83
CA ASN A 69 3.30 -4.14 17.55
C ASN A 69 3.93 -2.76 17.80
N TYR A 70 3.78 -1.87 16.82
CA TYR A 70 4.45 -0.59 16.88
C TYR A 70 3.90 0.49 15.96
N PHE A 71 4.16 1.73 16.35
CA PHE A 71 4.06 2.88 15.46
C PHE A 71 5.48 3.30 15.11
N SER A 72 5.70 3.59 13.84
CA SER A 72 7.01 3.98 13.34
C SER A 72 6.84 5.04 12.27
N LEU A 73 7.32 6.25 12.55
CA LEU A 73 7.47 7.27 11.53
C LEU A 73 8.91 7.17 11.04
N TYR A 74 9.07 6.78 9.78
CA TYR A 74 10.39 6.51 9.23
C TYR A 74 10.80 7.33 8.01
N VAL A 75 12.11 7.41 7.81
CA VAL A 75 12.68 7.95 6.59
C VAL A 75 13.64 6.94 5.95
N SER A 76 13.85 7.11 4.66
CA SER A 76 14.67 6.21 3.88
C SER A 76 15.58 7.06 2.99
N GLY A 77 16.41 6.41 2.18
CA GLY A 77 17.16 7.12 1.14
C GLY A 77 16.26 7.81 0.13
N GLY A 78 15.12 7.20 -0.18
CA GLY A 78 14.16 7.77 -1.12
C GLY A 78 12.70 7.68 -0.72
N LYS A 79 12.44 7.36 0.54
CA LYS A 79 11.07 7.24 1.02
C LYS A 79 10.81 7.89 2.38
N VAL A 80 9.57 8.33 2.56
CA VAL A 80 9.05 8.71 3.86
C VAL A 80 7.74 7.95 4.08
N GLY A 81 7.51 7.49 5.29
CA GLY A 81 6.29 6.78 5.61
C GLY A 81 6.13 6.51 7.08
N TYR A 82 4.99 5.94 7.44
CA TYR A 82 4.75 5.47 8.80
C TYR A 82 4.13 4.08 8.78
N GLU A 83 4.33 3.34 9.88
CA GLU A 83 3.65 2.09 10.09
C GLU A 83 2.89 2.17 11.41
N LEU A 84 1.74 1.51 11.45
CA LEU A 84 1.03 1.24 12.69
C LEU A 84 0.64 -0.23 12.64
N ARG A 85 1.27 -1.04 13.50
CA ARG A 85 1.11 -2.51 13.48
C ARG A 85 0.61 -3.12 14.79
N ARG A 86 0.07 -4.34 14.69
CA ARG A 86 -0.58 -5.11 15.77
C ARG A 86 -0.91 -6.41 15.04
N GLN A 87 -0.49 -7.61 15.46
CA GLN A 87 0.07 -8.08 16.76
C GLN A 87 -0.95 -8.16 17.92
N GLU A 88 -0.62 -8.96 18.95
CA GLU A 88 -1.57 -9.34 20.03
C GLU A 88 -2.46 -10.56 19.72
N GLY A 89 -2.70 -10.82 18.43
CA GLY A 89 -3.50 -11.98 18.00
C GLY A 89 -5.01 -11.79 18.09
N ASN A 90 -5.45 -10.53 18.04
CA ASN A 90 -6.88 -10.19 18.12
C ASN A 90 -7.09 -8.78 17.56
N GLY A 91 -7.71 -8.71 16.39
CA GLY A 91 -7.88 -7.44 15.68
C GLY A 91 -6.57 -6.96 15.07
N ASP A 92 -5.71 -7.91 14.70
CA ASP A 92 -4.40 -7.62 14.15
C ASP A 92 -4.48 -6.93 12.80
N PHE A 93 -3.53 -6.03 12.54
CA PHE A 93 -3.41 -5.30 11.27
C PHE A 93 -2.00 -4.78 11.02
N ASN A 94 -1.69 -4.52 9.75
CA ASN A 94 -0.45 -3.86 9.37
C ASN A 94 -0.77 -2.72 8.41
N VAL A 95 -0.77 -1.51 8.97
CA VAL A 95 -0.93 -0.30 8.18
C VAL A 95 0.45 0.15 7.69
N HIS A 96 0.53 0.62 6.46
CA HIS A 96 1.76 1.14 5.88
C HIS A 96 1.44 2.16 4.79
N HIS A 97 1.66 3.43 5.11
CA HIS A 97 1.48 4.52 4.15
C HIS A 97 2.81 5.23 3.97
N SER A 98 3.27 5.27 2.72
CA SER A 98 4.57 5.84 2.40
C SER A 98 4.56 6.48 1.02
N ALA A 99 5.60 7.27 0.73
CA ALA A 99 5.74 7.94 -0.55
C ALA A 99 7.19 8.03 -0.99
N ASP A 100 7.43 7.81 -2.28
CA ASP A 100 8.72 8.09 -2.94
C ASP A 100 8.89 9.60 -2.95
N VAL A 101 10.03 10.04 -2.41
CA VAL A 101 10.33 11.47 -2.28
C VAL A 101 11.81 11.69 -2.55
N THR A 102 12.17 12.95 -2.79
CA THR A 102 13.58 13.34 -2.81
C THR A 102 13.85 14.32 -1.68
N PHE A 103 14.81 13.94 -0.83
CA PHE A 103 15.23 14.73 0.31
C PHE A 103 16.33 15.71 -0.07
N ASN A 104 16.42 16.80 0.70
CA ASN A 104 17.61 17.65 0.67
C ASN A 104 18.79 16.82 1.17
N ARG A 105 19.97 17.09 0.61
CA ARG A 105 21.20 16.42 1.05
C ARG A 105 21.44 16.71 2.54
N GLY A 106 21.08 17.92 2.95
CA GLY A 106 21.28 18.37 4.31
C GLY A 106 20.02 18.22 5.13
N ILE A 107 19.52 19.34 5.62
CA ILE A 107 18.44 19.32 6.58
C ILE A 107 17.06 19.23 5.94
N ASN A 108 16.21 18.40 6.55
CA ASN A 108 14.86 18.11 6.09
C ASN A 108 13.84 18.34 7.19
N THR A 109 12.61 18.67 6.81
CA THR A 109 11.52 18.82 7.76
C THR A 109 10.29 18.09 7.29
N LEU A 110 9.76 17.20 8.11
CA LEU A 110 8.54 16.51 7.73
C LEU A 110 7.42 16.66 8.76
N ALA A 111 6.20 16.39 8.33
CA ALA A 111 5.07 16.30 9.25
C ALA A 111 4.17 15.15 8.85
N LEU A 112 3.79 14.33 9.83
CA LEU A 112 2.70 13.38 9.68
C LEU A 112 1.45 13.95 10.35
N LYS A 113 0.37 14.07 9.57
CA LYS A 113 -0.90 14.56 10.08
C LYS A 113 -1.94 13.45 10.12
N ILE A 114 -2.51 13.22 11.29
CA ILE A 114 -3.61 12.27 11.39
C ILE A 114 -4.82 12.99 11.93
N GLU A 115 -5.92 12.88 11.18
CA GLU A 115 -7.18 13.49 11.55
C GLU A 115 -8.24 12.39 11.62
N LYS A 116 -8.79 12.20 12.81
CA LYS A 116 -9.79 11.17 13.06
C LYS A 116 -11.03 11.34 12.17
N GLY A 117 -11.37 10.29 11.43
CA GLY A 117 -12.54 10.30 10.56
C GLY A 117 -12.26 10.87 9.18
N ILE A 118 -11.01 11.28 8.94
CA ILE A 118 -10.61 11.83 7.65
C ILE A 118 -9.48 10.99 7.04
N GLY A 119 -8.38 10.87 7.77
CA GLY A 119 -7.27 10.05 7.29
C GLY A 119 -5.92 10.60 7.71
N ALA A 120 -4.98 10.58 6.77
CA ALA A 120 -3.59 10.96 7.05
C ALA A 120 -2.99 11.77 5.92
N LYS A 121 -2.13 12.71 6.27
CA LYS A 121 -1.34 13.44 5.29
C LYS A 121 0.11 13.45 5.72
N ILE A 122 1.02 13.34 4.76
CA ILE A 122 2.45 13.50 5.01
C ILE A 122 2.96 14.73 4.26
N PHE A 123 3.69 15.57 4.98
CA PHE A 123 4.33 16.75 4.41
C PHE A 123 5.85 16.62 4.46
N LEU A 124 6.54 17.19 3.49
CA LEU A 124 8.00 17.21 3.49
C LEU A 124 8.50 18.46 2.77
N ASN A 125 9.37 19.22 3.44
CA ASN A 125 9.99 20.40 2.86
C ASN A 125 9.03 21.38 2.18
N GLY A 126 7.77 21.39 2.61
CA GLY A 126 6.79 22.37 2.12
C GLY A 126 5.86 21.86 1.05
N SER A 127 5.95 20.56 0.75
CA SER A 127 5.03 19.89 -0.17
C SER A 127 4.24 18.80 0.53
N LEU A 128 2.98 18.66 0.12
CA LEU A 128 2.17 17.50 0.48
C LEU A 128 2.59 16.34 -0.42
N VAL A 129 3.24 15.36 0.18
CA VAL A 129 3.82 14.24 -0.55
C VAL A 129 2.95 12.98 -0.49
N LYS A 130 1.92 12.99 0.36
CA LYS A 130 1.01 11.84 0.48
C LYS A 130 -0.31 12.20 1.18
N THR A 131 -1.42 11.81 0.54
CA THR A 131 -2.75 11.89 1.13
C THR A 131 -3.39 10.52 1.24
N VAL A 132 -3.74 10.14 2.47
CA VAL A 132 -4.52 8.93 2.72
C VAL A 132 -5.94 9.32 3.14
N SER A 133 -6.90 9.00 2.27
CA SER A 133 -8.31 9.21 2.56
C SER A 133 -8.84 7.94 3.20
N ASP A 134 -8.98 7.99 4.53
CA ASP A 134 -9.45 6.87 5.30
C ASP A 134 -10.25 7.38 6.49
N PRO A 135 -11.60 7.28 6.40
CA PRO A 135 -12.47 7.71 7.49
C PRO A 135 -12.31 6.83 8.74
N ASN A 136 -11.70 5.66 8.58
CA ASN A 136 -11.42 4.78 9.71
C ASN A 136 -9.92 4.67 10.00
N ILE A 137 -9.22 5.81 9.92
CA ILE A 137 -7.80 5.85 10.24
C ILE A 137 -7.60 5.67 11.74
N LYS A 138 -6.56 4.93 12.11
CA LYS A 138 -6.22 4.69 13.51
C LYS A 138 -4.90 5.34 13.86
N PHE A 139 -4.68 5.55 15.16
CA PHE A 139 -3.43 6.10 15.66
C PHE A 139 -3.04 5.34 16.92
N LEU A 140 -2.39 6.02 17.86
CA LEU A 140 -1.74 5.36 19.00
C LEU A 140 -2.72 4.62 19.90
N ASN A 141 -3.91 5.19 20.06
CA ASN A 141 -4.99 4.59 20.86
C ASN A 141 -5.29 3.14 20.48
N ALA A 142 -4.90 2.76 19.27
CA ALA A 142 -5.25 1.46 18.68
C ALA A 142 -4.31 0.32 19.03
N ILE A 143 -3.17 0.63 19.66
CA ILE A 143 -2.23 -0.39 20.15
C ILE A 143 -1.79 -0.11 21.59
N ASN A 144 -1.36 -1.16 22.29
CA ASN A 144 -0.71 -0.97 23.60
C ASN A 144 0.75 -0.58 23.47
N LEU A 145 1.17 0.34 24.31
CA LEU A 145 2.51 0.89 24.25
C LEU A 145 3.20 0.77 25.58
N ASN A 146 4.42 0.23 25.56
CA ASN A 146 5.25 0.17 26.74
C ASN A 146 6.69 0.60 26.45
N SER A 147 6.92 1.09 25.24
CA SER A 147 8.26 1.56 24.87
C SER A 147 8.18 2.72 23.89
N GLY A 148 8.97 3.76 24.14
CA GLY A 148 9.08 4.89 23.23
C GLY A 148 10.52 5.29 22.97
N PHE A 149 10.82 5.62 21.71
CA PHE A 149 12.18 6.01 21.29
C PHE A 149 12.21 6.95 20.09
N ILE A 150 13.03 7.99 20.18
CA ILE A 150 13.39 8.81 19.02
C ILE A 150 14.71 8.25 18.48
N GLY A 151 14.68 7.77 17.24
CA GLY A 151 15.90 7.23 16.62
C GLY A 151 15.87 5.73 16.35
N LYS A 152 14.76 5.08 16.69
CA LYS A 152 14.56 3.65 16.47
C LYS A 152 13.17 3.25 16.92
N THR A 153 12.73 2.06 16.49
CA THR A 153 11.57 1.41 17.09
C THR A 153 12.05 0.21 17.92
N ASP A 154 11.73 0.23 19.21
CA ASP A 154 12.14 -0.85 20.11
C ASP A 154 11.39 -2.14 19.79
N ARG A 155 12.12 -3.16 19.36
CA ARG A 155 11.51 -4.43 18.95
C ARG A 155 12.14 -5.64 19.64
N ALA A 156 11.46 -6.78 19.52
CA ALA A 156 11.82 -8.03 20.21
C ALA A 156 13.32 -8.25 20.47
N ASN A 157 14.07 -8.65 19.45
CA ASN A 157 15.49 -9.03 19.61
C ASN A 157 16.12 -9.47 18.28
N GLY A 158 15.33 -10.17 17.46
CA GLY A 158 15.77 -10.58 16.14
C GLY A 158 15.12 -9.79 15.01
N TYR A 159 14.42 -8.72 15.39
CA TYR A 159 13.69 -7.88 14.43
C TYR A 159 14.34 -6.51 14.24
N ASN A 160 14.28 -6.01 13.01
CA ASN A 160 14.93 -4.77 12.59
C ASN A 160 14.33 -3.54 13.28
N GLU A 161 15.17 -2.82 14.02
CA GLU A 161 14.71 -1.72 14.87
C GLU A 161 14.84 -0.35 14.20
N TYR A 162 15.16 -0.35 12.91
CA TYR A 162 15.18 0.86 12.08
C TYR A 162 16.06 1.94 12.69
N LEU A 163 17.30 1.57 12.96
CA LEU A 163 18.24 2.44 13.66
C LEU A 163 18.57 3.68 12.84
N PHE A 164 18.34 4.85 13.44
CA PHE A 164 18.60 6.13 12.81
C PHE A 164 19.99 6.63 13.15
N ARG A 165 20.63 7.27 12.17
CA ARG A 165 21.92 7.94 12.39
C ARG A 165 21.89 9.32 11.76
N GLY A 166 22.30 10.32 12.54
CA GLY A 166 22.27 11.70 12.13
C GLY A 166 21.81 12.58 13.28
N ASN A 167 21.21 13.71 12.94
CA ASN A 167 20.75 14.67 13.93
C ASN A 167 19.25 14.92 13.87
N ILE A 168 18.66 15.24 15.01
CA ILE A 168 17.27 15.68 15.09
C ILE A 168 17.26 17.09 15.70
N ASP A 169 16.95 18.08 14.86
CA ASP A 169 16.86 19.48 15.28
C ASP A 169 15.70 19.70 16.26
N PHE A 170 14.52 19.18 15.89
CA PHE A 170 13.35 19.20 16.79
C PHE A 170 12.36 18.09 16.44
N MET A 171 11.50 17.81 17.40
CA MET A 171 10.48 16.79 17.28
C MET A 171 9.33 17.33 18.13
N ASN A 172 8.28 17.79 17.47
CA ASN A 172 7.11 18.32 18.16
C ASN A 172 5.92 17.40 17.94
N ILE A 173 5.28 17.02 19.04
CA ILE A 173 4.07 16.21 18.96
C ILE A 173 2.86 17.01 19.44
N TYR A 174 1.80 16.98 18.64
CA TYR A 174 0.56 17.67 18.92
C TYR A 174 -0.55 16.64 19.06
N ASP A 175 -1.56 16.98 19.88
CA ASP A 175 -2.73 16.11 20.06
C ASP A 175 -3.89 16.45 19.10
N LYS A 176 -3.69 17.46 18.25
CA LYS A 176 -4.70 17.85 17.27
C LYS A 176 -4.07 17.86 15.88
N PRO A 177 -4.89 17.60 14.82
CA PRO A 177 -4.46 17.60 13.42
C PRO A 177 -3.51 18.73 12.98
N VAL A 178 -3.88 20.00 13.17
CA VAL A 178 -3.05 21.16 12.72
C VAL A 178 -3.19 21.42 11.21
N SER A 179 -3.51 22.67 10.86
CA SER A 179 -3.79 23.04 9.47
C SER A 179 -2.68 22.69 8.48
N ASP A 180 -3.09 22.34 7.26
CA ASP A 180 -2.19 22.11 6.15
C ASP A 180 -1.33 23.33 5.93
N ASN A 181 -1.97 24.49 5.94
CA ASN A 181 -1.29 25.77 5.74
C ASN A 181 -0.07 25.94 6.64
N TYR A 182 -0.26 25.84 7.96
CA TYR A 182 0.86 25.92 8.91
C TYR A 182 1.95 24.90 8.60
N LEU A 183 1.54 23.65 8.38
CA LEU A 183 2.47 22.53 8.13
C LEU A 183 3.26 22.71 6.84
N LEU A 184 2.61 23.26 5.82
CA LEU A 184 3.29 23.63 4.57
C LEU A 184 4.33 24.72 4.82
N ARG A 185 3.97 25.68 5.67
CA ARG A 185 4.84 26.79 6.00
C ARG A 185 6.03 26.40 6.89
N LYS A 186 5.78 25.57 7.91
CA LYS A 186 6.87 25.14 8.78
C LYS A 186 7.87 24.22 8.06
N THR A 187 7.36 23.15 7.45
CA THR A 187 8.23 22.26 6.68
C THR A 187 8.86 23.00 5.49
N GLY A 188 8.12 23.96 4.94
CA GLY A 188 8.55 24.75 3.79
C GLY A 188 9.77 25.61 4.02
N GLU A 189 10.14 25.74 5.29
CA GLU A 189 11.36 26.46 5.70
C GLU A 189 12.62 25.74 5.21
N THR A 190 12.48 24.46 4.86
CA THR A 190 13.56 23.68 4.24
C THR A 190 13.17 23.21 2.83
N LYS A 191 12.51 24.07 2.06
CA LYS A 191 12.00 23.75 0.71
C LYS A 191 13.07 23.26 -0.25
N ASP B 10 -9.31 6.38 -2.33
CA ASP B 10 -10.31 5.32 -2.68
C ASP B 10 -9.74 3.90 -2.64
N GLU B 11 -8.52 3.72 -3.15
CA GLU B 11 -7.97 2.38 -3.35
C GLU B 11 -7.42 1.74 -2.08
N ILE B 12 -7.43 0.41 -2.05
CA ILE B 12 -6.80 -0.33 -0.96
C ILE B 12 -5.35 -0.69 -1.31
N ALA B 13 -5.07 -0.81 -2.60
CA ALA B 13 -3.70 -0.99 -3.09
C ALA B 13 -3.43 -0.19 -4.36
N ASN B 14 -2.19 0.30 -4.46
CA ASN B 14 -1.73 1.12 -5.57
C ASN B 14 -0.35 0.64 -6.03
N TYR B 15 -0.22 0.31 -7.30
CA TYR B 15 1.07 -0.05 -7.89
C TYR B 15 1.26 0.73 -9.17
N GLY B 16 2.51 0.95 -9.58
CA GLY B 16 2.76 1.70 -10.80
C GLY B 16 4.21 1.87 -11.17
N ASN B 17 4.43 2.44 -12.35
CA ASN B 17 5.76 2.66 -12.89
C ASN B 17 6.61 1.39 -12.86
N LEU B 18 5.97 0.27 -13.20
CA LEU B 18 6.64 -1.02 -13.21
C LEU B 18 7.05 -1.41 -14.63
N LYS B 19 8.33 -1.76 -14.76
CA LYS B 19 8.92 -2.26 -15.98
C LYS B 19 9.06 -3.77 -15.80
N ILE B 20 8.38 -4.54 -16.65
CA ILE B 20 8.35 -6.00 -16.52
C ILE B 20 8.89 -6.69 -17.77
N THR B 21 10.18 -7.04 -17.73
CA THR B 21 10.86 -7.64 -18.88
C THR B 21 11.35 -9.05 -18.57
N LYS B 22 11.39 -9.39 -17.29
CA LYS B 22 11.93 -10.68 -16.83
C LYS B 22 11.25 -11.13 -15.55
N GLU B 23 11.48 -12.39 -15.17
CA GLU B 23 10.81 -13.02 -14.02
C GLU B 23 10.92 -12.25 -12.70
N GLU B 24 12.00 -11.51 -12.53
CA GLU B 24 12.22 -10.84 -11.26
C GLU B 24 11.50 -9.50 -11.07
N GLU B 25 10.67 -9.09 -12.03
CA GLU B 25 10.17 -7.70 -11.99
C GLU B 25 8.77 -7.22 -12.47
N ARG B 26 7.68 -7.99 -12.53
CA ARG B 26 7.28 -9.26 -11.87
C ARG B 26 7.18 -9.30 -10.35
N VAL B 27 6.51 -8.29 -9.82
CA VAL B 27 6.43 -8.00 -8.39
C VAL B 27 5.66 -9.05 -7.57
N ASN B 28 6.30 -9.51 -6.51
CA ASN B 28 5.68 -10.38 -5.53
C ASN B 28 4.85 -9.52 -4.59
N ILE B 29 3.53 -9.58 -4.77
CA ILE B 29 2.60 -8.78 -3.96
C ILE B 29 1.84 -9.65 -2.94
N THR B 30 2.50 -10.73 -2.52
CA THR B 30 1.96 -11.69 -1.54
C THR B 30 1.78 -11.07 -0.16
N GLY B 31 2.61 -10.08 0.18
CA GLY B 31 2.47 -9.35 1.45
C GLY B 31 1.26 -8.43 1.50
N ASP B 32 0.60 -8.27 0.35
CA ASP B 32 -0.62 -7.47 0.23
C ASP B 32 -1.87 -8.36 0.14
N LEU B 33 -1.67 -9.68 0.23
CA LEU B 33 -2.74 -10.65 0.04
C LEU B 33 -3.89 -10.52 1.01
N GLU B 34 -3.56 -10.34 2.29
CA GLU B 34 -4.56 -10.11 3.34
C GLU B 34 -5.62 -9.12 2.87
N LYS B 35 -5.18 -8.08 2.16
CA LYS B 35 -6.06 -7.00 1.69
C LYS B 35 -7.09 -7.43 0.65
N PHE B 36 -6.81 -8.52 -0.06
CA PHE B 36 -7.64 -8.95 -1.18
C PHE B 36 -8.37 -10.25 -0.91
N SER B 37 -7.87 -11.04 0.03
CA SER B 37 -8.34 -12.41 0.28
C SER B 37 -9.83 -12.56 0.60
N SER B 38 -10.42 -11.59 1.30
CA SER B 38 -11.84 -11.67 1.67
C SER B 38 -12.75 -10.81 0.80
N LEU B 39 -12.25 -10.38 -0.36
CA LEU B 39 -13.04 -9.57 -1.28
C LEU B 39 -14.07 -10.40 -2.02
N GLU B 40 -15.34 -10.03 -1.87
CA GLU B 40 -16.44 -10.67 -2.60
C GLU B 40 -16.77 -9.86 -3.85
N GLU B 41 -16.20 -8.67 -3.92
CA GLU B 41 -16.42 -7.75 -5.03
C GLU B 41 -15.32 -6.70 -5.03
N GLY B 42 -15.20 -5.94 -6.11
CA GLY B 42 -14.28 -4.81 -6.17
C GLY B 42 -13.96 -4.42 -7.59
N THR B 43 -12.98 -3.56 -7.75
CA THR B 43 -12.49 -3.18 -9.06
C THR B 43 -10.97 -3.17 -9.16
N ILE B 44 -10.47 -3.52 -10.33
CA ILE B 44 -9.06 -3.43 -10.68
C ILE B 44 -8.92 -2.60 -11.95
N VAL B 45 -8.30 -1.43 -11.83
CA VAL B 45 -8.02 -0.56 -12.96
C VAL B 45 -6.52 -0.57 -13.21
N THR B 46 -6.12 -0.72 -14.47
CA THR B 46 -4.70 -0.83 -14.80
C THR B 46 -4.37 -0.22 -16.15
N ARG B 47 -3.27 0.53 -16.18
CA ARG B 47 -2.71 1.05 -17.41
C ARG B 47 -1.40 0.33 -17.70
N PHE B 48 -1.22 -0.09 -18.95
CA PHE B 48 -0.18 -1.02 -19.34
C PHE B 48 0.09 -0.91 -20.84
N ASN B 49 1.29 -1.30 -21.26
CA ASN B 49 1.50 -1.71 -22.65
C ASN B 49 2.12 -3.11 -22.65
N MET B 50 1.81 -3.90 -23.66
CA MET B 50 2.28 -5.28 -23.70
C MET B 50 3.30 -5.51 -24.81
N ASN B 51 4.24 -6.42 -24.56
CA ASN B 51 5.28 -6.80 -25.53
C ASN B 51 4.96 -8.10 -26.28
N ASP B 52 4.31 -9.06 -25.61
CA ASP B 52 3.88 -10.31 -26.24
C ASP B 52 2.39 -10.28 -26.66
N THR B 53 2.00 -11.24 -27.49
CA THR B 53 0.61 -11.35 -27.96
C THR B 53 -0.09 -12.49 -27.22
N SER B 54 0.66 -13.18 -26.39
CA SER B 54 0.17 -14.32 -25.65
C SER B 54 -0.76 -13.91 -24.50
N ILE B 55 -1.41 -14.91 -23.89
CA ILE B 55 -2.21 -14.69 -22.70
C ILE B 55 -1.29 -14.40 -21.51
N GLN B 56 -1.48 -13.21 -20.94
CA GLN B 56 -0.60 -12.71 -19.90
C GLN B 56 -1.42 -12.15 -18.76
N SER B 57 -1.16 -12.66 -17.56
CA SER B 57 -1.75 -12.12 -16.35
C SER B 57 -1.16 -10.76 -15.99
N LEU B 58 -2.00 -9.74 -15.95
CA LEU B 58 -1.57 -8.43 -15.41
C LEU B 58 -1.43 -8.55 -13.89
N ILE B 59 -2.35 -9.30 -13.30
CA ILE B 59 -2.25 -9.68 -11.90
C ILE B 59 -2.77 -11.11 -11.70
N GLY B 60 -2.03 -11.88 -10.91
CA GLY B 60 -2.40 -13.25 -10.59
C GLY B 60 -2.46 -13.45 -9.09
N LEU B 61 -3.62 -13.89 -8.62
CA LEU B 61 -3.80 -14.21 -7.21
C LEU B 61 -4.23 -15.67 -7.09
N SER B 62 -3.51 -16.43 -6.28
CA SER B 62 -3.64 -17.89 -6.28
C SER B 62 -3.13 -18.59 -5.02
N ASP B 63 -3.48 -19.87 -4.94
CA ASP B 63 -2.74 -20.85 -4.16
C ASP B 63 -2.06 -21.73 -5.21
N GLY B 64 -0.79 -22.06 -4.97
CA GLY B 64 -0.16 -23.08 -5.80
C GLY B 64 1.31 -23.33 -5.56
N ASN B 65 1.72 -24.53 -5.12
CA ASN B 65 0.88 -25.67 -4.63
C ASN B 65 -0.17 -26.32 -5.53
N LYS B 66 -1.28 -25.60 -5.74
CA LYS B 66 -2.30 -25.94 -6.73
C LYS B 66 -1.75 -25.48 -8.10
N ALA B 67 -2.33 -25.76 -9.29
CA ALA B 67 -3.75 -25.86 -9.69
C ALA B 67 -3.83 -24.69 -10.72
N ASN B 68 -4.96 -24.33 -11.35
CA ASN B 68 -6.37 -24.71 -11.11
C ASN B 68 -7.11 -24.01 -9.95
N ASN B 69 -6.35 -23.34 -9.07
CA ASN B 69 -6.92 -22.52 -7.99
C ASN B 69 -6.34 -21.11 -8.00
N TYR B 70 -6.95 -20.23 -8.80
CA TYR B 70 -6.41 -18.89 -9.03
C TYR B 70 -7.40 -17.89 -9.67
N PHE B 71 -7.22 -16.62 -9.31
CA PHE B 71 -7.81 -15.52 -10.06
C PHE B 71 -6.72 -14.92 -10.94
N SER B 72 -7.06 -14.68 -12.20
CA SER B 72 -6.14 -14.05 -13.13
C SER B 72 -6.88 -13.08 -14.04
N LEU B 73 -6.50 -11.81 -13.98
CA LEU B 73 -6.91 -10.82 -14.96
C LEU B 73 -5.83 -10.77 -16.03
N TYR B 74 -6.25 -10.93 -17.29
CA TYR B 74 -5.29 -11.17 -18.36
C TYR B 74 -5.61 -10.46 -19.65
N VAL B 75 -4.57 -10.31 -20.47
CA VAL B 75 -4.70 -9.78 -21.82
C VAL B 75 -4.01 -10.73 -22.81
N SER B 76 -4.52 -10.74 -24.04
CA SER B 76 -3.90 -11.44 -25.16
C SER B 76 -3.66 -10.39 -26.19
N GLY B 77 -3.08 -10.78 -27.32
CA GLY B 77 -3.02 -9.93 -28.51
C GLY B 77 -4.39 -9.57 -29.05
N GLY B 78 -5.39 -10.41 -28.80
CA GLY B 78 -6.73 -10.19 -29.31
C GLY B 78 -7.88 -10.20 -28.31
N LYS B 79 -7.58 -10.58 -27.06
CA LYS B 79 -8.61 -10.80 -26.05
C LYS B 79 -8.31 -10.13 -24.71
N VAL B 80 -9.39 -9.73 -24.01
CA VAL B 80 -9.33 -9.31 -22.60
C VAL B 80 -10.36 -10.07 -21.79
N GLY B 81 -9.97 -10.51 -20.60
CA GLY B 81 -10.89 -11.21 -19.72
C GLY B 81 -10.27 -11.51 -18.38
N TYR B 82 -10.97 -12.33 -17.61
CA TYR B 82 -10.44 -12.85 -16.36
C TYR B 82 -10.87 -14.30 -16.14
N GLU B 83 -10.12 -14.99 -15.29
CA GLU B 83 -10.49 -16.32 -14.84
C GLU B 83 -10.55 -16.29 -13.32
N LEU B 84 -11.34 -17.23 -12.78
CA LEU B 84 -11.37 -17.52 -11.36
C LEU B 84 -11.64 -19.02 -11.28
N ARG B 85 -10.75 -19.74 -10.59
CA ARG B 85 -10.81 -21.19 -10.58
C ARG B 85 -10.58 -21.72 -9.16
N ARG B 86 -11.32 -22.77 -8.79
CA ARG B 86 -11.21 -23.39 -7.46
C ARG B 86 -10.71 -24.83 -7.53
N GLN B 87 -9.92 -25.23 -6.53
CA GLN B 87 -9.34 -26.57 -6.46
C GLN B 87 -9.13 -27.00 -5.01
N GLU B 88 -10.18 -27.54 -4.40
CA GLU B 88 -10.15 -27.95 -3.00
C GLU B 88 -10.80 -29.33 -2.79
N GLY B 89 -11.70 -29.41 -1.81
CA GLY B 89 -12.55 -30.58 -1.63
C GLY B 89 -13.80 -30.45 -2.49
N ASN B 90 -13.66 -29.70 -3.58
CA ASN B 90 -14.72 -29.40 -4.57
C ASN B 90 -16.16 -29.17 -4.08
N GLY B 91 -16.63 -27.92 -4.12
CA GLY B 91 -15.84 -26.74 -4.52
C GLY B 91 -15.71 -26.49 -6.02
N ASP B 92 -14.61 -27.01 -6.58
CA ASP B 92 -14.17 -26.83 -7.97
C ASP B 92 -15.13 -26.19 -8.99
N PHE B 93 -14.86 -24.94 -9.32
CA PHE B 93 -15.50 -24.26 -10.44
C PHE B 93 -14.44 -23.58 -11.31
N ASN B 94 -14.69 -23.49 -12.62
CA ASN B 94 -13.83 -22.75 -13.53
C ASN B 94 -14.62 -21.64 -14.21
N VAL B 95 -14.48 -20.43 -13.67
CA VAL B 95 -15.08 -19.24 -14.27
C VAL B 95 -14.10 -18.64 -15.27
N HIS B 96 -14.61 -18.22 -16.43
CA HIS B 96 -13.82 -17.53 -17.44
C HIS B 96 -14.75 -16.62 -18.24
N HIS B 97 -14.52 -15.31 -18.14
CA HIS B 97 -15.29 -14.33 -18.87
C HIS B 97 -14.38 -13.43 -19.69
N SER B 98 -14.57 -13.43 -21.00
CA SER B 98 -13.66 -12.76 -21.92
C SER B 98 -14.40 -11.96 -22.98
N ALA B 99 -13.66 -11.07 -23.63
CA ALA B 99 -14.15 -10.36 -24.80
C ALA B 99 -13.07 -10.34 -25.88
N ASP B 100 -13.50 -10.42 -27.14
CA ASP B 100 -12.61 -10.19 -28.25
C ASP B 100 -12.53 -8.69 -28.41
N VAL B 101 -11.31 -8.15 -28.28
CA VAL B 101 -11.10 -6.72 -28.33
C VAL B 101 -9.95 -6.35 -29.24
N THR B 102 -9.90 -5.08 -29.62
CA THR B 102 -8.78 -4.55 -30.37
C THR B 102 -8.05 -3.52 -29.51
N PHE B 103 -6.95 -3.95 -28.90
CA PHE B 103 -6.13 -3.11 -28.04
C PHE B 103 -5.41 -2.08 -28.88
N ASN B 104 -5.02 -0.97 -28.25
CA ASN B 104 -4.03 -0.05 -28.82
C ASN B 104 -2.70 -0.79 -28.91
N ARG B 105 -1.93 -0.49 -29.95
CA ARG B 105 -0.59 -1.06 -30.11
C ARG B 105 0.31 -0.66 -28.93
N GLY B 106 0.12 0.57 -28.46
CA GLY B 106 0.93 1.10 -27.36
C GLY B 106 0.23 0.94 -26.03
N ILE B 107 -0.05 2.07 -25.39
CA ILE B 107 -0.62 2.11 -24.05
C ILE B 107 -2.12 1.80 -24.06
N ASN B 108 -2.57 1.05 -23.05
CA ASN B 108 -3.95 0.66 -22.90
C ASN B 108 -4.39 0.80 -21.46
N THR B 109 -5.67 1.10 -21.24
CA THR B 109 -6.24 1.17 -19.90
C THR B 109 -7.47 0.28 -19.79
N LEU B 110 -7.43 -0.65 -18.84
CA LEU B 110 -8.56 -1.53 -18.60
C LEU B 110 -9.02 -1.51 -17.15
N ALA B 111 -10.28 -1.90 -16.96
CA ALA B 111 -10.86 -2.08 -15.63
C ALA B 111 -11.73 -3.32 -15.61
N LEU B 112 -11.59 -4.11 -14.54
CA LEU B 112 -12.52 -5.19 -14.23
C LEU B 112 -13.35 -4.75 -13.03
N LYS B 113 -14.67 -4.72 -13.21
CA LYS B 113 -15.59 -4.35 -12.14
C LYS B 113 -16.40 -5.57 -11.74
N ILE B 114 -16.26 -5.98 -10.48
CA ILE B 114 -17.11 -7.06 -9.96
C ILE B 114 -18.02 -6.54 -8.84
N GLU B 115 -19.33 -6.71 -9.04
CA GLU B 115 -20.30 -6.26 -8.05
C GLU B 115 -21.11 -7.45 -7.54
N LYS B 116 -20.98 -7.72 -6.24
CA LYS B 116 -21.76 -8.75 -5.56
C LYS B 116 -23.25 -8.56 -5.88
N GLY B 117 -23.91 -9.65 -6.28
CA GLY B 117 -25.33 -9.63 -6.57
C GLY B 117 -25.68 -9.21 -7.98
N ILE B 118 -24.69 -8.72 -8.73
CA ILE B 118 -24.93 -8.21 -10.08
C ILE B 118 -24.12 -8.97 -11.17
N GLY B 119 -22.81 -9.05 -11.01
CA GLY B 119 -21.94 -9.65 -12.02
C GLY B 119 -20.66 -8.87 -12.31
N ALA B 120 -20.22 -8.89 -13.57
CA ALA B 120 -18.92 -8.31 -13.95
C ALA B 120 -19.00 -7.40 -15.16
N LYS B 121 -18.20 -6.33 -15.13
CA LYS B 121 -18.05 -5.44 -16.28
C LYS B 121 -16.57 -5.19 -16.58
N ILE B 122 -16.21 -5.26 -17.87
CA ILE B 122 -14.86 -4.96 -18.33
C ILE B 122 -14.87 -3.71 -19.19
N PHE B 123 -13.99 -2.77 -18.90
CA PHE B 123 -13.86 -1.55 -19.68
C PHE B 123 -12.48 -1.50 -20.32
N LEU B 124 -12.42 -1.07 -21.57
CA LEU B 124 -11.14 -0.92 -22.25
C LEU B 124 -11.14 0.36 -23.07
N ASN B 125 -10.20 1.25 -22.75
CA ASN B 125 -10.00 2.51 -23.46
C ASN B 125 -11.28 3.34 -23.67
N GLY B 126 -12.08 3.45 -22.61
CA GLY B 126 -13.28 4.28 -22.65
C GLY B 126 -14.48 3.57 -23.25
N SER B 127 -14.45 2.24 -23.24
CA SER B 127 -15.57 1.44 -23.72
C SER B 127 -15.84 0.24 -22.83
N LEU B 128 -17.11 0.04 -22.53
CA LEU B 128 -17.56 -1.18 -21.87
C LEU B 128 -17.56 -2.27 -22.94
N VAL B 129 -16.67 -3.24 -22.78
CA VAL B 129 -16.49 -4.28 -23.78
C VAL B 129 -17.16 -5.60 -23.39
N LYS B 130 -17.47 -5.74 -22.11
CA LYS B 130 -18.06 -6.97 -21.59
C LYS B 130 -19.01 -6.68 -20.43
N THR B 131 -20.28 -7.04 -20.61
CA THR B 131 -21.23 -7.06 -19.51
C THR B 131 -21.59 -8.52 -19.20
N VAL B 132 -21.32 -8.92 -17.96
CA VAL B 132 -21.70 -10.23 -17.48
C VAL B 132 -22.78 -10.02 -16.41
N SER B 133 -23.95 -10.63 -16.65
CA SER B 133 -25.00 -10.68 -15.66
C SER B 133 -24.94 -11.99 -14.90
N ASP B 134 -24.61 -11.91 -13.61
CA ASP B 134 -24.57 -13.06 -12.73
C ASP B 134 -24.84 -12.57 -11.31
N PRO B 135 -26.08 -12.77 -10.83
CA PRO B 135 -26.42 -12.41 -9.45
C PRO B 135 -25.57 -13.15 -8.40
N ASN B 136 -25.07 -14.32 -8.76
CA ASN B 136 -24.26 -15.14 -7.87
C ASN B 136 -22.77 -15.17 -8.26
N ILE B 137 -22.25 -14.00 -8.65
CA ILE B 137 -20.85 -13.86 -9.06
C ILE B 137 -19.90 -14.07 -7.88
N LYS B 138 -18.87 -14.88 -8.10
CA LYS B 138 -17.82 -15.10 -7.09
C LYS B 138 -16.59 -14.20 -7.29
N PHE B 139 -15.87 -13.94 -6.20
CA PHE B 139 -14.61 -13.22 -6.28
C PHE B 139 -13.54 -13.92 -5.41
N LEU B 140 -12.72 -13.14 -4.71
CA LEU B 140 -11.52 -13.67 -4.06
C LEU B 140 -11.83 -14.46 -2.78
N ASN B 141 -12.85 -13.99 -2.05
CA ASN B 141 -13.39 -14.69 -0.89
C ASN B 141 -13.69 -16.17 -1.15
N ALA B 142 -14.05 -16.50 -2.39
CA ALA B 142 -14.43 -17.86 -2.77
C ALA B 142 -13.27 -18.87 -2.82
N ILE B 143 -12.04 -18.39 -2.97
CA ILE B 143 -10.88 -19.30 -3.11
C ILE B 143 -9.77 -19.03 -2.10
N ASN B 144 -9.01 -20.06 -1.77
CA ASN B 144 -7.82 -19.91 -0.93
C ASN B 144 -6.67 -19.31 -1.72
N LEU B 145 -5.89 -18.46 -1.06
CA LEU B 145 -4.81 -17.74 -1.71
C LEU B 145 -3.58 -17.70 -0.82
N ASN B 146 -2.43 -18.00 -1.42
CA ASN B 146 -1.13 -17.89 -0.72
C ASN B 146 -0.01 -17.23 -1.56
N SER B 147 -0.33 -16.94 -2.82
CA SER B 147 0.63 -16.30 -3.70
C SER B 147 -0.06 -15.20 -4.51
N GLY B 148 0.63 -14.06 -4.68
CA GLY B 148 0.12 -12.93 -5.45
C GLY B 148 1.19 -12.23 -6.27
N PHE B 149 0.96 -12.15 -7.58
CA PHE B 149 1.92 -11.54 -8.50
C PHE B 149 1.33 -10.54 -9.47
N ILE B 150 2.12 -9.50 -9.77
CA ILE B 150 1.88 -8.67 -10.93
C ILE B 150 2.81 -9.20 -12.02
N GLY B 151 2.24 -9.47 -13.19
CA GLY B 151 3.02 -9.97 -14.31
C GLY B 151 2.83 -11.44 -14.59
N LYS B 152 2.25 -12.18 -13.63
CA LYS B 152 2.02 -13.61 -13.78
C LYS B 152 1.04 -14.15 -12.75
N THR B 153 0.64 -15.41 -12.93
CA THR B 153 -0.12 -16.15 -11.91
C THR B 153 0.66 -17.38 -11.47
N ASP B 154 1.12 -17.36 -10.22
CA ASP B 154 1.87 -18.46 -9.64
C ASP B 154 1.04 -19.75 -9.59
N ARG B 155 1.65 -20.85 -10.04
CA ARG B 155 0.96 -22.14 -10.16
C ARG B 155 1.88 -23.28 -9.68
N ALA B 156 1.48 -24.52 -9.95
CA ALA B 156 2.27 -25.69 -9.55
C ALA B 156 3.18 -26.19 -10.67
N ASN B 157 4.38 -26.65 -10.29
CA ASN B 157 5.32 -27.35 -11.18
C ASN B 157 5.47 -26.86 -12.64
N GLY B 158 4.49 -27.11 -13.50
CA GLY B 158 4.66 -26.82 -14.93
C GLY B 158 3.46 -26.45 -15.77
N TYR B 159 2.51 -25.70 -15.21
CA TYR B 159 1.38 -25.17 -15.98
C TYR B 159 1.68 -23.75 -16.43
N ASN B 160 1.02 -23.31 -17.50
CA ASN B 160 1.20 -21.97 -18.07
C ASN B 160 0.92 -20.89 -17.05
N GLU B 161 1.95 -20.11 -16.72
CA GLU B 161 1.84 -19.08 -15.70
C GLU B 161 1.51 -17.70 -16.28
N TYR B 162 1.08 -17.69 -17.54
CA TYR B 162 0.64 -16.47 -18.25
C TYR B 162 1.60 -15.31 -18.05
N LEU B 163 2.86 -15.56 -18.39
CA LEU B 163 3.96 -14.64 -18.17
C LEU B 163 3.82 -13.37 -18.97
N PHE B 164 3.85 -12.23 -18.28
CA PHE B 164 3.66 -10.91 -18.89
C PHE B 164 5.00 -10.22 -19.14
N ARG B 165 5.10 -9.60 -20.30
CA ARG B 165 6.22 -8.70 -20.63
C ARG B 165 5.68 -7.38 -21.18
N GLY B 166 6.24 -6.28 -20.70
CA GLY B 166 5.80 -4.94 -21.07
C GLY B 166 5.94 -3.99 -19.90
N ASN B 167 5.05 -2.99 -19.85
CA ASN B 167 5.05 -2.00 -18.77
C ASN B 167 3.69 -1.87 -18.11
N ILE B 168 3.69 -1.71 -16.78
CA ILE B 168 2.51 -1.35 -16.01
C ILE B 168 2.64 0.09 -15.52
N ASP B 169 1.95 1.01 -16.19
CA ASP B 169 1.95 2.43 -15.81
C ASP B 169 1.39 2.59 -14.39
N PHE B 170 0.21 2.00 -14.17
CA PHE B 170 -0.37 1.90 -12.83
C PHE B 170 -1.30 0.70 -12.68
N MET B 171 -1.56 0.33 -11.44
CA MET B 171 -2.62 -0.60 -11.12
C MET B 171 -3.25 -0.23 -9.77
N ASN B 172 -4.53 0.13 -9.84
CA ASN B 172 -5.28 0.47 -8.64
C ASN B 172 -6.32 -0.61 -8.32
N ILE B 173 -6.31 -1.09 -7.09
CA ILE B 173 -7.28 -2.08 -6.62
C ILE B 173 -8.21 -1.46 -5.57
N TYR B 174 -9.52 -1.68 -5.75
CA TYR B 174 -10.55 -1.16 -4.86
C TYR B 174 -11.37 -2.29 -4.27
N ASP B 175 -11.88 -2.09 -3.05
CA ASP B 175 -12.77 -3.08 -2.44
C ASP B 175 -14.25 -2.83 -2.79
N LYS B 176 -14.48 -1.80 -3.60
CA LYS B 176 -15.81 -1.30 -3.97
C LYS B 176 -16.24 -1.61 -5.41
N PRO B 177 -17.57 -1.74 -5.63
CA PRO B 177 -18.18 -1.77 -6.97
C PRO B 177 -17.63 -0.69 -7.90
N VAL B 178 -17.79 0.60 -7.57
CA VAL B 178 -17.36 1.76 -8.42
C VAL B 178 -17.09 1.37 -9.89
N SER B 179 -17.79 1.88 -10.90
CA SER B 179 -18.81 2.96 -10.96
C SER B 179 -18.64 3.38 -12.42
N ASP B 180 -19.59 2.99 -13.27
CA ASP B 180 -19.42 3.07 -14.74
C ASP B 180 -18.88 4.40 -15.26
N ASN B 181 -19.47 5.50 -14.79
CA ASN B 181 -19.10 6.85 -15.21
C ASN B 181 -17.61 7.14 -14.99
N TYR B 182 -17.11 6.77 -13.81
CA TYR B 182 -15.68 6.92 -13.53
C TYR B 182 -14.84 6.02 -14.43
N LEU B 183 -15.20 4.74 -14.49
CA LEU B 183 -14.40 3.75 -15.19
C LEU B 183 -14.28 4.04 -16.68
N LEU B 184 -15.37 4.54 -17.28
CA LEU B 184 -15.36 4.93 -18.69
C LEU B 184 -14.47 6.15 -18.92
N ARG B 185 -14.45 7.05 -17.95
CA ARG B 185 -13.63 8.25 -18.01
C ARG B 185 -12.14 7.94 -17.84
N LYS B 186 -11.81 7.19 -16.78
CA LYS B 186 -10.41 6.84 -16.49
C LYS B 186 -9.77 5.99 -17.60
N THR B 187 -10.50 4.99 -18.10
CA THR B 187 -10.01 4.18 -19.22
C THR B 187 -9.99 4.99 -20.51
N GLY B 188 -10.94 5.91 -20.63
CA GLY B 188 -11.10 6.76 -21.82
C GLY B 188 -9.97 7.73 -22.07
N GLU B 189 -9.06 7.82 -21.11
CA GLU B 189 -7.89 8.68 -21.21
C GLU B 189 -6.90 8.16 -22.24
N THR B 190 -7.05 6.89 -22.63
CA THR B 190 -6.22 6.29 -23.69
C THR B 190 -7.09 5.79 -24.86
N LYS B 191 -8.18 6.51 -25.13
CA LYS B 191 -9.18 6.12 -26.13
C LYS B 191 -8.59 5.90 -27.52
CA CA C . 14.96 -4.20 21.91
CA CA D . 22.36 14.19 5.25
C1 SIA E . 9.98 -6.18 9.29
C2 SIA E . 9.60 -6.34 7.81
C3 SIA E . 8.15 -5.86 7.52
C4 SIA E . 8.04 -4.32 7.66
C5 SIA E . 9.05 -3.61 6.77
C6 SIA E . 10.46 -4.13 7.11
C7 SIA E . 11.60 -3.61 6.24
C8 SIA E . 12.90 -4.36 6.55
C9 SIA E . 14.09 -3.68 5.88
C10 SIA E . 8.92 -1.25 6.05
C11 SIA E . 8.88 0.20 6.52
N5 SIA E . 9.00 -2.16 7.02
O1A SIA E . 9.05 -6.31 10.13
O1B SIA E . 11.18 -5.97 9.59
O2 SIA E . 9.77 -7.71 7.42
O4 SIA E . 6.72 -3.85 7.35
O6 SIA E . 10.51 -5.58 6.98
O7 SIA E . 11.26 -3.80 4.87
O8 SIA E . 13.10 -4.41 7.97
O9 SIA E . 15.25 -4.45 6.14
O10 SIA E . 8.86 -1.50 4.84
#